data_8E6M
#
_entry.id   8E6M
#
_cell.length_a   59.137
_cell.length_b   71.369
_cell.length_c   99.054
_cell.angle_alpha   90.000
_cell.angle_beta   90.000
_cell.angle_gamma   90.000
#
_symmetry.space_group_name_H-M   'P 2 21 21'
#
loop_
_entity.id
_entity.type
_entity.pdbx_description
1 polymer 'Divalent metal cation transporter MntH'
2 non-polymer 'CADMIUM ION'
3 non-polymer 'CHLORIDE ION'
4 non-polymer '(2R)-2,3-dihydroxypropyl (9Z)-octadec-9-enoate'
5 non-polymer DI(HYDROXYETHYL)ETHER
6 water water
#
_entity_poly.entity_id   1
_entity_poly.type   'polypeptide(L)'
_entity_poly.pdbx_seq_one_letter_code
;MHHHHHHHHAGPRGVRRILPFLGPAVIASIAYMDPGNFATNIEGGARYGYSLLWVILAANLMAMVIQNLSANLGIASGRN
LPELIRERWPRPLVWFYWIQAELVAMATDLAEFLGAALAIQLLTGLPMFWGAVVTGVVTFWLLNLQKRGTRPLELAVGAF
VLMIGVAYLVQVVLARPDLAAVGAGFVPRLQGPGSAYLAVGIIGATVMPHVIYLHSALTQGRIQTDTTEEKRRLVRLNRV
DVIAAMGLAGLINMSMLAVAAATFHGKNVENAGDLTTAYQTLTPLLGPAASVLFAVALLASGLSSSAVGTMAGDVIMQGF
MGFHIPLWLRRLITMLPAFIVILLGMDPSSVLILSQVILCFGVPFALVPLLLFTARRDVMGALVTRRSFTVIGWVIAVII
IALNGYLLWELLGG
;
_entity_poly.pdbx_strand_id   A
#
loop_
_chem_comp.id
_chem_comp.type
_chem_comp.name
_chem_comp.formula
CD non-polymer 'CADMIUM ION' 'Cd 2'
CL non-polymer 'CHLORIDE ION' 'Cl -1'
OLC non-polymer '(2R)-2,3-dihydroxypropyl (9Z)-octadec-9-enoate' 'C21 H40 O4'
PEG non-polymer DI(HYDROXYETHYL)ETHER 'C4 H10 O3'
#
# COMPACT_ATOMS: atom_id res chain seq x y z
N LEU A 19 -19.63 16.57 2.76
CA LEU A 19 -18.78 16.16 3.87
C LEU A 19 -17.95 17.34 4.36
N PRO A 20 -17.65 17.36 5.66
CA PRO A 20 -16.83 18.44 6.22
C PRO A 20 -15.48 18.54 5.53
N PHE A 21 -14.77 19.64 5.84
CA PHE A 21 -13.52 19.95 5.15
C PHE A 21 -12.52 18.81 5.23
N LEU A 22 -12.24 18.32 6.45
CA LEU A 22 -11.27 17.25 6.63
C LEU A 22 -11.82 15.88 6.24
N GLY A 23 -13.13 15.75 6.02
CA GLY A 23 -13.78 14.49 5.77
C GLY A 23 -13.10 13.60 4.74
N PRO A 24 -12.93 14.10 3.51
CA PRO A 24 -12.29 13.26 2.48
C PRO A 24 -10.89 12.80 2.83
N ALA A 25 -10.13 13.61 3.56
CA ALA A 25 -8.75 13.22 3.90
C ALA A 25 -8.72 12.01 4.81
N VAL A 26 -9.74 11.84 5.65
CA VAL A 26 -9.74 10.74 6.61
C VAL A 26 -10.10 9.42 5.94
N ILE A 27 -11.12 9.43 5.08
CA ILE A 27 -11.60 8.17 4.49
C ILE A 27 -10.57 7.58 3.53
N ALA A 28 -9.87 8.43 2.78
CA ALA A 28 -8.89 7.92 1.83
C ALA A 28 -7.60 7.51 2.51
N SER A 29 -7.32 8.06 3.71
CA SER A 29 -6.08 7.71 4.40
C SER A 29 -6.16 6.32 5.01
N ILE A 30 -7.34 5.91 5.48
CA ILE A 30 -7.46 4.58 6.08
C ILE A 30 -7.32 3.50 5.03
N ALA A 31 -7.69 3.80 3.77
CA ALA A 31 -7.53 2.82 2.71
C ALA A 31 -6.04 2.58 2.41
N TYR A 32 -5.18 3.55 2.70
CA TYR A 32 -3.76 3.41 2.46
C TYR A 32 -3.06 2.60 3.54
N MET A 33 -3.71 2.37 4.68
CA MET A 33 -3.09 1.64 5.79
C MET A 33 -3.22 0.14 5.53
N ASP A 34 -2.26 -0.38 4.78
CA ASP A 34 -2.17 -1.80 4.51
C ASP A 34 -1.53 -2.52 5.69
N PRO A 35 -1.78 -3.83 5.84
CA PRO A 35 -0.92 -4.62 6.74
C PRO A 35 0.55 -4.57 6.33
N GLY A 36 0.86 -4.29 5.06
CA GLY A 36 2.25 -4.13 4.67
C GLY A 36 2.87 -2.85 5.19
N ASN A 37 2.06 -1.82 5.47
CA ASN A 37 2.59 -0.62 6.10
C ASN A 37 2.99 -0.91 7.55
N PHE A 38 2.16 -1.66 8.27
CA PHE A 38 2.53 -2.06 9.62
C PHE A 38 3.83 -2.85 9.63
N ALA A 39 3.97 -3.79 8.69
CA ALA A 39 5.17 -4.62 8.64
C ALA A 39 6.42 -3.80 8.34
N THR A 40 6.32 -2.84 7.42
CA THR A 40 7.51 -2.09 7.02
C THR A 40 7.84 -0.96 7.99
N ASN A 41 6.82 -0.32 8.58
CA ASN A 41 7.08 0.76 9.52
C ASN A 41 7.63 0.22 10.84
N ILE A 42 7.02 -0.85 11.37
CA ILE A 42 7.48 -1.40 12.64
C ILE A 42 8.88 -1.98 12.49
N GLU A 43 9.09 -2.82 11.48
CA GLU A 43 10.43 -3.39 11.26
C GLU A 43 11.45 -2.31 10.90
N GLY A 44 11.03 -1.28 10.17
CA GLY A 44 11.96 -0.23 9.78
C GLY A 44 12.50 0.54 10.98
N GLY A 45 11.63 0.89 11.92
CA GLY A 45 12.05 1.65 13.08
C GLY A 45 12.79 0.82 14.11
N ALA A 46 12.33 -0.41 14.34
CA ALA A 46 12.94 -1.24 15.36
C ALA A 46 14.35 -1.68 14.97
N ARG A 47 14.61 -1.84 13.68
CA ARG A 47 15.90 -2.35 13.21
C ARG A 47 16.84 -1.24 12.74
N TYR A 48 16.31 -0.13 12.23
CA TYR A 48 17.14 0.93 11.69
C TYR A 48 16.85 2.28 12.32
N GLY A 49 16.17 2.31 13.46
CA GLY A 49 15.96 3.56 14.17
C GLY A 49 15.10 4.52 13.38
N TYR A 50 15.52 5.78 13.35
CA TYR A 50 14.83 6.84 12.62
C TYR A 50 15.43 7.07 11.24
N SER A 51 16.43 6.28 10.84
CA SER A 51 17.21 6.58 9.65
C SER A 51 16.47 6.37 8.35
N LEU A 52 15.25 5.81 8.38
CA LEU A 52 14.47 5.61 7.17
C LEU A 52 13.29 6.56 7.06
N LEU A 53 13.26 7.63 7.87
CA LEU A 53 12.16 8.59 7.79
C LEU A 53 12.13 9.29 6.44
N TRP A 54 13.30 9.54 5.84
CA TRP A 54 13.32 10.17 4.52
C TRP A 54 12.69 9.27 3.46
N VAL A 55 12.77 7.95 3.65
CA VAL A 55 12.15 7.04 2.69
C VAL A 55 10.63 7.20 2.70
N ILE A 56 10.03 7.19 3.88
CA ILE A 56 8.59 7.38 3.98
C ILE A 56 8.19 8.73 3.40
N LEU A 57 8.99 9.77 3.67
CA LEU A 57 8.70 11.09 3.12
C LEU A 57 8.82 11.09 1.61
N ALA A 58 9.92 10.56 1.07
CA ALA A 58 10.14 10.55 -0.36
C ALA A 58 9.09 9.70 -1.07
N ALA A 59 8.85 8.48 -0.57
CA ALA A 59 7.85 7.61 -1.17
C ALA A 59 6.46 8.25 -1.15
N ASN A 60 6.17 9.07 -0.14
CA ASN A 60 4.86 9.68 -0.05
C ASN A 60 4.69 10.79 -1.08
N LEU A 61 5.75 11.58 -1.31
CA LEU A 61 5.69 12.62 -2.33
C LEU A 61 5.60 12.02 -3.73
N MET A 62 6.35 10.94 -3.98
CA MET A 62 6.26 10.26 -5.27
C MET A 62 4.86 9.70 -5.48
N ALA A 63 4.24 9.18 -4.42
CA ALA A 63 2.88 8.68 -4.54
C ALA A 63 1.88 9.78 -4.82
N MET A 64 2.15 11.01 -4.35
CA MET A 64 1.27 12.13 -4.66
C MET A 64 1.30 12.46 -6.15
N VAL A 65 2.50 12.46 -6.75
CA VAL A 65 2.61 12.71 -8.19
C VAL A 65 1.95 11.58 -8.98
N ILE A 66 2.24 10.34 -8.60
CA ILE A 66 1.81 9.19 -9.41
C ILE A 66 0.29 9.04 -9.34
N GLN A 67 -0.29 9.15 -8.14
CA GLN A 67 -1.74 9.00 -8.04
C GLN A 67 -2.49 10.18 -8.68
N ASN A 68 -1.85 11.34 -8.78
CA ASN A 68 -2.47 12.45 -9.49
C ASN A 68 -2.51 12.17 -10.99
N LEU A 69 -1.41 11.68 -11.56
CA LEU A 69 -1.42 11.29 -12.96
C LEU A 69 -2.44 10.19 -13.23
N SER A 70 -2.54 9.22 -12.32
CA SER A 70 -3.49 8.14 -12.49
C SER A 70 -4.92 8.66 -12.49
N ALA A 71 -5.22 9.60 -11.59
CA ALA A 71 -6.57 10.13 -11.50
C ALA A 71 -6.91 11.02 -12.69
N ASN A 72 -5.95 11.83 -13.14
CA ASN A 72 -6.21 12.73 -14.27
C ASN A 72 -6.34 11.97 -15.58
N LEU A 73 -5.75 10.78 -15.68
CA LEU A 73 -5.93 9.97 -16.88
C LEU A 73 -7.36 9.48 -17.01
N GLY A 74 -7.95 9.04 -15.89
CA GLY A 74 -9.33 8.60 -15.92
C GLY A 74 -10.32 9.73 -16.17
N ILE A 75 -10.03 10.92 -15.65
CA ILE A 75 -10.93 12.06 -15.84
C ILE A 75 -10.90 12.52 -17.29
N ALA A 76 -9.70 12.69 -17.85
CA ALA A 76 -9.57 13.25 -19.19
C ALA A 76 -10.06 12.27 -20.25
N SER A 77 -9.66 11.00 -20.14
CA SER A 77 -9.93 10.03 -21.19
C SER A 77 -11.23 9.26 -20.97
N GLY A 78 -11.75 9.22 -19.75
CA GLY A 78 -12.92 8.41 -19.45
C GLY A 78 -12.66 6.93 -19.39
N ARG A 79 -11.41 6.48 -19.55
CA ARG A 79 -11.05 5.07 -19.50
C ARG A 79 -9.98 4.84 -18.44
N ASN A 80 -9.81 3.59 -18.05
CA ASN A 80 -8.75 3.22 -17.13
C ASN A 80 -7.51 2.76 -17.91
N LEU A 81 -6.41 2.61 -17.19
CA LEU A 81 -5.16 2.25 -17.84
C LEU A 81 -5.20 0.90 -18.54
N PRO A 82 -5.75 -0.18 -17.95
CA PRO A 82 -5.85 -1.44 -18.71
C PRO A 82 -6.64 -1.31 -20.00
N GLU A 83 -7.71 -0.53 -20.00
CA GLU A 83 -8.51 -0.38 -21.21
C GLU A 83 -7.76 0.39 -22.29
N LEU A 84 -7.01 1.43 -21.89
CA LEU A 84 -6.24 2.19 -22.87
C LEU A 84 -5.13 1.34 -23.47
N ILE A 85 -4.49 0.50 -22.65
CA ILE A 85 -3.46 -0.39 -23.16
C ILE A 85 -4.07 -1.39 -24.14
N ARG A 86 -5.24 -1.96 -23.78
CA ARG A 86 -5.88 -2.93 -24.64
C ARG A 86 -6.25 -2.36 -26.01
N GLU A 87 -6.64 -1.09 -26.05
CA GLU A 87 -7.13 -0.52 -27.30
C GLU A 87 -6.05 0.13 -28.15
N ARG A 88 -4.86 0.36 -27.60
CA ARG A 88 -3.85 1.14 -28.31
C ARG A 88 -2.53 0.41 -28.54
N TRP A 89 -2.22 -0.63 -27.79
CA TRP A 89 -0.95 -1.31 -27.90
C TRP A 89 -1.11 -2.70 -28.52
N PRO A 90 -0.05 -3.24 -29.13
CA PRO A 90 -0.16 -4.54 -29.80
C PRO A 90 -0.49 -5.65 -28.81
N ARG A 91 -1.08 -6.73 -29.36
CA ARG A 91 -1.50 -7.86 -28.55
C ARG A 91 -0.41 -8.42 -27.64
N PRO A 92 0.82 -8.69 -28.11
CA PRO A 92 1.82 -9.24 -27.19
C PRO A 92 2.17 -8.33 -26.03
N LEU A 93 2.13 -7.01 -26.23
CA LEU A 93 2.44 -6.09 -25.15
C LEU A 93 1.29 -5.99 -24.15
N VAL A 94 0.04 -6.02 -24.64
CA VAL A 94 -1.11 -6.06 -23.74
C VAL A 94 -1.05 -7.31 -22.87
N TRP A 95 -0.69 -8.45 -23.47
CA TRP A 95 -0.60 -9.69 -22.72
C TRP A 95 0.49 -9.61 -21.65
N PHE A 96 1.63 -9.02 -21.99
CA PHE A 96 2.71 -8.87 -21.03
C PHE A 96 2.27 -8.00 -19.85
N TYR A 97 1.67 -6.84 -20.15
CA TYR A 97 1.22 -5.97 -19.07
C TYR A 97 0.06 -6.57 -18.29
N TRP A 98 -0.72 -7.46 -18.91
CA TRP A 98 -1.78 -8.13 -18.17
C TRP A 98 -1.20 -9.08 -17.13
N ILE A 99 -0.19 -9.87 -17.51
CA ILE A 99 0.45 -10.78 -16.57
C ILE A 99 1.13 -9.99 -15.45
N GLN A 100 1.84 -8.92 -15.83
CA GLN A 100 2.51 -8.08 -14.83
C GLN A 100 1.50 -7.48 -13.85
N ALA A 101 0.34 -7.04 -14.35
CA ALA A 101 -0.69 -6.52 -13.45
C ALA A 101 -1.28 -7.61 -12.58
N GLU A 102 -1.35 -8.84 -13.08
CA GLU A 102 -1.86 -9.94 -12.26
C GLU A 102 -0.89 -10.31 -11.15
N LEU A 103 0.41 -10.19 -11.39
CA LEU A 103 1.39 -10.45 -10.34
C LEU A 103 1.33 -9.38 -9.26
N VAL A 104 1.09 -8.12 -9.65
CA VAL A 104 0.92 -7.05 -8.67
C VAL A 104 -0.29 -7.32 -7.80
N ALA A 105 -1.38 -7.83 -8.39
CA ALA A 105 -2.57 -8.16 -7.62
C ALA A 105 -2.30 -9.31 -6.66
N MET A 106 -1.49 -10.28 -7.09
CA MET A 106 -1.16 -11.41 -6.22
C MET A 106 -0.40 -10.95 -4.98
N ALA A 107 0.66 -10.16 -5.18
CA ALA A 107 1.45 -9.70 -4.04
C ALA A 107 0.67 -8.71 -3.18
N THR A 108 -0.22 -7.93 -3.79
CA THR A 108 -1.03 -6.99 -3.01
C THR A 108 -2.01 -7.74 -2.11
N ASP A 109 -2.72 -8.73 -2.67
CA ASP A 109 -3.67 -9.49 -1.87
C ASP A 109 -2.99 -10.45 -0.91
N LEU A 110 -1.75 -10.86 -1.19
CA LEU A 110 -1.04 -11.78 -0.29
C LEU A 110 -0.76 -11.12 1.06
N ALA A 111 -0.31 -9.87 1.05
CA ALA A 111 -0.04 -9.18 2.30
C ALA A 111 -1.31 -8.94 3.10
N GLU A 112 -2.37 -8.50 2.43
CA GLU A 112 -3.61 -8.18 3.12
C GLU A 112 -4.27 -9.43 3.68
N PHE A 113 -4.34 -10.50 2.88
CA PHE A 113 -4.96 -11.73 3.34
C PHE A 113 -4.17 -12.36 4.49
N LEU A 114 -2.84 -12.33 4.40
CA LEU A 114 -2.02 -12.92 5.46
C LEU A 114 -2.01 -12.08 6.72
N GLY A 115 -2.13 -10.75 6.57
CA GLY A 115 -2.22 -9.89 7.74
C GLY A 115 -3.49 -10.12 8.54
N ALA A 116 -4.61 -10.34 7.84
CA ALA A 116 -5.86 -10.64 8.54
C ALA A 116 -5.77 -11.98 9.25
N ALA A 117 -5.21 -13.00 8.60
CA ALA A 117 -5.03 -14.29 9.25
C ALA A 117 -4.11 -14.18 10.45
N LEU A 118 -3.02 -13.40 10.32
CA LEU A 118 -2.14 -13.18 11.46
C LEU A 118 -2.87 -12.47 12.59
N ALA A 119 -3.69 -11.47 12.26
CA ALA A 119 -4.45 -10.77 13.28
C ALA A 119 -5.43 -11.70 13.98
N ILE A 120 -6.02 -12.63 13.23
CA ILE A 120 -6.88 -13.64 13.85
C ILE A 120 -6.09 -14.46 14.87
N GLN A 121 -4.84 -14.79 14.54
CA GLN A 121 -4.00 -15.55 15.47
C GLN A 121 -3.66 -14.72 16.70
N LEU A 122 -3.39 -13.43 16.52
CA LEU A 122 -3.11 -12.55 17.66
C LEU A 122 -4.33 -12.39 18.55
N LEU A 123 -5.53 -12.46 17.97
CA LEU A 123 -6.75 -12.28 18.74
C LEU A 123 -7.14 -13.56 19.48
N THR A 124 -7.15 -14.69 18.78
CA THR A 124 -7.70 -15.93 19.32
C THR A 124 -6.66 -16.96 19.70
N GLY A 125 -5.49 -16.96 19.06
CA GLY A 125 -4.50 -17.99 19.29
C GLY A 125 -4.58 -19.18 18.37
N LEU A 126 -5.49 -19.16 17.39
CA LEU A 126 -5.59 -20.24 16.43
C LEU A 126 -4.33 -20.32 15.56
N PRO A 127 -4.03 -21.50 15.02
CA PRO A 127 -2.90 -21.60 14.09
C PRO A 127 -3.13 -20.76 12.84
N MET A 128 -2.03 -20.42 12.17
CA MET A 128 -2.12 -19.59 10.97
C MET A 128 -2.98 -20.25 9.89
N PHE A 129 -2.93 -21.58 9.79
CA PHE A 129 -3.75 -22.27 8.79
C PHE A 129 -5.23 -21.99 9.02
N TRP A 130 -5.72 -22.26 10.23
CA TRP A 130 -7.12 -21.98 10.54
C TRP A 130 -7.40 -20.48 10.54
N GLY A 131 -6.40 -19.66 10.85
CA GLY A 131 -6.56 -18.23 10.69
C GLY A 131 -6.84 -17.84 9.25
N ALA A 132 -6.15 -18.47 8.31
CA ALA A 132 -6.42 -18.22 6.90
C ALA A 132 -7.74 -18.81 6.45
N VAL A 133 -8.17 -19.91 7.08
CA VAL A 133 -9.48 -20.48 6.76
C VAL A 133 -10.59 -19.56 7.22
N VAL A 134 -10.46 -19.00 8.43
CA VAL A 134 -11.43 -18.02 8.91
C VAL A 134 -11.47 -16.81 7.99
N THR A 135 -10.30 -16.30 7.62
CA THR A 135 -10.22 -15.20 6.68
C THR A 135 -10.84 -15.57 5.34
N GLY A 136 -10.66 -16.82 4.90
CA GLY A 136 -11.22 -17.25 3.65
C GLY A 136 -12.74 -17.27 3.63
N VAL A 137 -13.34 -17.78 4.71
CA VAL A 137 -14.81 -17.77 4.81
C VAL A 137 -15.33 -16.34 4.83
N VAL A 138 -14.67 -15.45 5.58
CA VAL A 138 -15.13 -14.07 5.68
C VAL A 138 -15.02 -13.36 4.34
N THR A 139 -13.89 -13.52 3.66
CA THR A 139 -13.72 -12.87 2.36
C THR A 139 -14.66 -13.46 1.31
N PHE A 140 -14.93 -14.76 1.37
CA PHE A 140 -15.91 -15.36 0.47
C PHE A 140 -17.31 -14.82 0.77
N TRP A 141 -17.66 -14.69 2.05
CA TRP A 141 -18.97 -14.18 2.41
C TRP A 141 -19.07 -12.69 2.13
N LEU A 142 -17.99 -11.94 2.38
CA LEU A 142 -17.98 -10.52 2.03
C LEU A 142 -18.05 -10.31 0.52
N LEU A 143 -17.59 -11.29 -0.25
CA LEU A 143 -17.66 -11.19 -1.70
C LEU A 143 -19.09 -11.23 -2.20
N ASN A 144 -19.97 -11.96 -1.51
CA ASN A 144 -21.36 -12.08 -1.96
C ASN A 144 -22.12 -10.79 -1.71
N LEU A 145 -21.82 -10.08 -0.62
CA LEU A 145 -22.59 -8.89 -0.25
C LEU A 145 -22.44 -7.81 -1.31
N GLN A 146 -23.56 -7.17 -1.63
CA GLN A 146 -23.62 -6.12 -2.63
C GLN A 146 -23.25 -4.79 -1.97
N LYS A 147 -23.59 -3.66 -2.61
CA LYS A 147 -23.27 -2.36 -2.02
C LYS A 147 -24.03 -2.13 -0.72
N ARG A 148 -25.20 -2.75 -0.57
CA ARG A 148 -25.92 -2.71 0.70
C ARG A 148 -25.28 -3.71 1.66
N GLY A 149 -24.79 -3.21 2.79
CA GLY A 149 -24.09 -4.02 3.77
C GLY A 149 -22.61 -3.71 3.88
N THR A 150 -22.00 -3.25 2.79
CA THR A 150 -20.59 -2.86 2.84
C THR A 150 -20.41 -1.57 3.62
N ARG A 151 -21.38 -0.66 3.56
CA ARG A 151 -21.23 0.63 4.23
C ARG A 151 -21.14 0.51 5.74
N PRO A 152 -21.95 -0.30 6.44
CA PRO A 152 -21.73 -0.44 7.89
C PRO A 152 -20.41 -1.10 8.24
N LEU A 153 -19.95 -2.05 7.42
CA LEU A 153 -18.70 -2.74 7.73
C LEU A 153 -17.49 -1.90 7.37
N GLU A 154 -17.54 -1.18 6.24
CA GLU A 154 -16.40 -0.34 5.86
C GLU A 154 -16.28 0.90 6.72
N LEU A 155 -17.38 1.34 7.34
CA LEU A 155 -17.29 2.46 8.28
C LEU A 155 -16.70 2.01 9.61
N ALA A 156 -17.00 0.79 10.04
CA ALA A 156 -16.46 0.29 11.30
C ALA A 156 -14.96 0.03 11.18
N VAL A 157 -14.53 -0.61 10.09
CA VAL A 157 -13.09 -0.86 9.91
C VAL A 157 -12.35 0.45 9.71
N GLY A 158 -13.00 1.45 9.12
CA GLY A 158 -12.36 2.76 9.02
C GLY A 158 -12.12 3.38 10.38
N ALA A 159 -13.03 3.16 11.32
CA ALA A 159 -12.86 3.72 12.66
C ALA A 159 -11.70 3.08 13.39
N PHE A 160 -11.60 1.74 13.33
CA PHE A 160 -10.51 1.04 14.00
C PHE A 160 -9.15 1.49 13.45
N VAL A 161 -9.03 1.57 12.13
CA VAL A 161 -7.75 1.92 11.52
C VAL A 161 -7.45 3.40 11.73
N LEU A 162 -8.46 4.25 11.70
CA LEU A 162 -8.25 5.68 11.91
C LEU A 162 -7.80 5.96 13.34
N MET A 163 -8.41 5.29 14.32
CA MET A 163 -8.09 5.57 15.71
C MET A 163 -6.74 4.98 16.11
N ILE A 164 -6.33 3.86 15.49
CA ILE A 164 -4.99 3.36 15.72
C ILE A 164 -3.95 4.27 15.08
N GLY A 165 -4.34 5.05 14.08
CA GLY A 165 -3.44 6.01 13.48
C GLY A 165 -3.29 7.24 14.35
N VAL A 166 -4.41 7.69 14.92
CA VAL A 166 -4.36 8.81 15.87
C VAL A 166 -3.56 8.41 17.10
N ALA A 167 -3.60 7.14 17.48
CA ALA A 167 -2.80 6.68 18.62
C ALA A 167 -1.32 6.88 18.38
N TYR A 168 -0.84 6.50 17.19
CA TYR A 168 0.58 6.70 16.88
C TYR A 168 0.93 8.18 16.74
N LEU A 169 0.00 9.00 16.25
CA LEU A 169 0.25 10.43 16.18
C LEU A 169 0.40 11.03 17.57
N VAL A 170 -0.43 10.58 18.52
CA VAL A 170 -0.29 11.04 19.90
C VAL A 170 0.93 10.41 20.57
N GLN A 171 1.17 9.13 20.32
CA GLN A 171 2.26 8.43 20.99
C GLN A 171 3.62 8.96 20.57
N VAL A 172 3.75 9.48 19.35
CA VAL A 172 5.05 9.96 18.88
C VAL A 172 5.50 11.18 19.68
N VAL A 173 4.57 11.87 20.33
CA VAL A 173 4.93 12.99 21.20
C VAL A 173 5.18 12.51 22.62
N LEU A 174 4.31 11.62 23.13
CA LEU A 174 4.46 11.13 24.50
C LEU A 174 5.66 10.23 24.69
N ALA A 175 6.19 9.65 23.61
CA ALA A 175 7.33 8.75 23.71
C ALA A 175 8.65 9.49 23.87
N ARG A 176 8.66 10.82 23.67
CA ARG A 176 9.87 11.65 23.73
C ARG A 176 10.96 11.08 22.85
N PRO A 177 10.80 11.10 21.52
CA PRO A 177 11.83 10.55 20.66
C PRO A 177 13.06 11.44 20.64
N ASP A 178 14.22 10.81 20.42
CA ASP A 178 15.48 11.52 20.32
C ASP A 178 15.45 12.46 19.12
N LEU A 179 15.31 13.76 19.37
CA LEU A 179 15.09 14.71 18.27
C LEU A 179 16.30 14.83 17.36
N ALA A 180 17.51 14.70 17.89
CA ALA A 180 18.69 14.71 17.04
C ALA A 180 18.66 13.56 16.05
N ALA A 181 18.30 12.37 16.51
CA ALA A 181 18.21 11.22 15.61
C ALA A 181 17.03 11.35 14.65
N VAL A 182 15.96 12.03 15.08
CA VAL A 182 14.81 12.22 14.20
C VAL A 182 15.17 13.13 13.03
N GLY A 183 15.84 14.26 13.32
CA GLY A 183 16.27 15.15 12.26
C GLY A 183 17.26 14.50 11.32
N ALA A 184 18.23 13.75 11.87
CA ALA A 184 19.20 13.05 11.04
C ALA A 184 18.52 12.02 10.14
N GLY A 185 17.45 11.40 10.61
CA GLY A 185 16.75 10.40 9.83
C GLY A 185 16.09 10.92 8.57
N PHE A 186 15.95 12.24 8.43
CA PHE A 186 15.41 12.83 7.21
C PHE A 186 16.48 13.11 6.17
N VAL A 187 17.76 12.96 6.51
CA VAL A 187 18.84 13.04 5.54
C VAL A 187 18.99 11.69 4.87
N PRO A 188 18.88 11.61 3.54
CA PRO A 188 18.92 10.31 2.85
C PRO A 188 20.23 9.57 3.09
N ARG A 189 20.13 8.43 3.76
CA ARG A 189 21.28 7.56 4.03
C ARG A 189 20.82 6.11 3.97
N LEU A 190 21.54 5.30 3.20
CA LEU A 190 21.34 3.86 3.16
C LEU A 190 22.51 3.20 3.88
N GLN A 191 22.20 2.40 4.89
CA GLN A 191 23.19 1.83 5.80
C GLN A 191 23.15 0.31 5.69
N GLY A 192 23.87 -0.23 4.71
CA GLY A 192 23.95 -1.66 4.52
C GLY A 192 22.96 -2.17 3.47
N PRO A 193 23.10 -3.43 3.09
CA PRO A 193 22.16 -3.99 2.10
C PRO A 193 20.77 -4.22 2.67
N GLY A 194 20.65 -4.56 3.95
CA GLY A 194 19.34 -4.77 4.53
C GLY A 194 18.50 -3.52 4.60
N SER A 195 19.14 -2.35 4.68
CA SER A 195 18.40 -1.09 4.70
C SER A 195 17.74 -0.82 3.37
N ALA A 196 18.45 -1.10 2.27
CA ALA A 196 17.86 -0.91 0.94
C ALA A 196 16.67 -1.83 0.72
N TYR A 197 16.77 -3.07 1.19
CA TYR A 197 15.65 -4.01 1.09
C TYR A 197 14.40 -3.45 1.75
N LEU A 198 14.56 -2.88 2.95
CA LEU A 198 13.41 -2.31 3.65
C LEU A 198 12.97 -0.98 3.06
N ALA A 199 13.92 -0.21 2.53
CA ALA A 199 13.55 1.02 1.83
C ALA A 199 12.69 0.72 0.60
N VAL A 200 13.09 -0.29 -0.18
CA VAL A 200 12.29 -0.71 -1.34
C VAL A 200 10.92 -1.17 -0.89
N GLY A 201 10.84 -1.88 0.23
CA GLY A 201 9.55 -2.31 0.73
C GLY A 201 8.67 -1.15 1.18
N ILE A 202 9.28 -0.11 1.73
CA ILE A 202 8.52 1.08 2.13
C ILE A 202 7.96 1.79 0.91
N ILE A 203 8.74 1.88 -0.16
CA ILE A 203 8.26 2.52 -1.39
C ILE A 203 7.13 1.70 -2.01
N GLY A 204 7.30 0.38 -2.07
CA GLY A 204 6.25 -0.46 -2.61
C GLY A 204 4.96 -0.39 -1.80
N ALA A 205 5.07 -0.21 -0.48
CA ALA A 205 3.89 -0.07 0.35
C ALA A 205 3.23 1.29 0.24
N THR A 206 3.95 2.31 -0.19
CA THR A 206 3.37 3.64 -0.27
C THR A 206 2.78 3.91 -1.65
N VAL A 207 3.52 3.59 -2.72
CA VAL A 207 3.07 3.89 -4.08
C VAL A 207 1.84 3.07 -4.43
N MET A 208 1.84 1.77 -4.07
CA MET A 208 0.73 0.86 -4.33
C MET A 208 0.44 0.78 -5.82
N PRO A 209 1.20 -0.03 -6.56
CA PRO A 209 0.99 -0.08 -8.02
C PRO A 209 -0.36 -0.63 -8.43
N HIS A 210 -1.03 -1.40 -7.57
CA HIS A 210 -2.34 -1.93 -7.93
C HIS A 210 -3.35 -0.79 -8.08
N VAL A 211 -3.19 0.28 -7.31
CA VAL A 211 -4.07 1.44 -7.45
C VAL A 211 -3.84 2.12 -8.79
N ILE A 212 -2.59 2.12 -9.28
CA ILE A 212 -2.28 2.75 -10.56
C ILE A 212 -3.15 2.18 -11.67
N TYR A 213 -3.28 0.85 -11.71
CA TYR A 213 -4.08 0.20 -12.73
C TYR A 213 -5.58 0.32 -12.49
N LEU A 214 -6.00 0.79 -11.32
CA LEU A 214 -7.42 0.83 -10.98
C LEU A 214 -7.94 2.22 -10.64
N HIS A 215 -7.09 3.11 -10.11
CA HIS A 215 -7.59 4.40 -9.62
C HIS A 215 -8.25 5.22 -10.72
N SER A 216 -7.82 5.03 -11.97
CA SER A 216 -8.48 5.72 -13.08
C SER A 216 -9.96 5.34 -13.15
N ALA A 217 -10.28 4.09 -12.84
CA ALA A 217 -11.67 3.65 -12.81
C ALA A 217 -12.33 4.12 -11.51
N ASP A 226 -19.66 15.35 -19.91
CA ASP A 226 -18.28 15.75 -20.18
C ASP A 226 -18.21 17.23 -20.56
N THR A 227 -17.11 17.86 -20.16
CA THR A 227 -16.82 19.26 -20.41
C THR A 227 -15.41 19.54 -19.93
N THR A 228 -14.64 20.25 -20.75
CA THR A 228 -13.29 20.63 -20.37
C THR A 228 -13.28 21.43 -19.07
N GLU A 229 -14.21 22.37 -18.93
CA GLU A 229 -14.29 23.13 -17.69
C GLU A 229 -14.74 22.25 -16.53
N GLU A 230 -15.61 21.27 -16.79
CA GLU A 230 -16.01 20.34 -15.75
C GLU A 230 -14.93 19.32 -15.44
N LYS A 231 -14.14 18.92 -16.46
CA LYS A 231 -13.05 18.00 -16.23
C LYS A 231 -11.96 18.62 -15.37
N ARG A 232 -11.70 19.92 -15.55
CA ARG A 232 -10.70 20.59 -14.71
C ARG A 232 -11.17 20.72 -13.27
N ARG A 233 -12.48 20.78 -13.04
CA ARG A 233 -13.00 20.85 -11.68
C ARG A 233 -12.68 19.57 -10.92
N LEU A 234 -12.88 18.41 -11.55
CA LEU A 234 -12.58 17.15 -10.89
C LEU A 234 -11.07 16.95 -10.70
N VAL A 235 -10.26 17.50 -11.60
CA VAL A 235 -8.81 17.39 -11.44
C VAL A 235 -8.34 18.23 -10.26
N ARG A 236 -8.79 19.49 -10.19
CA ARG A 236 -8.47 20.33 -9.04
C ARG A 236 -9.07 19.77 -7.75
N LEU A 237 -10.24 19.14 -7.84
CA LEU A 237 -10.87 18.59 -6.65
C LEU A 237 -10.14 17.33 -6.18
N ASN A 238 -9.75 16.46 -7.12
CA ASN A 238 -9.01 15.27 -6.74
C ASN A 238 -7.60 15.60 -6.23
N ARG A 239 -6.98 16.64 -6.81
CA ARG A 239 -5.62 17.00 -6.43
C ARG A 239 -5.55 17.39 -4.95
N VAL A 240 -6.56 18.10 -4.46
CA VAL A 240 -6.55 18.53 -3.06
C VAL A 240 -6.84 17.35 -2.13
N ASP A 241 -7.75 16.46 -2.53
CA ASP A 241 -8.15 15.37 -1.66
C ASP A 241 -7.05 14.35 -1.48
N VAL A 242 -6.30 14.04 -2.54
CA VAL A 242 -5.28 13.01 -2.43
C VAL A 242 -4.07 13.52 -1.65
N ILE A 243 -3.76 14.81 -1.76
CA ILE A 243 -2.61 15.36 -1.04
C ILE A 243 -2.92 15.46 0.45
N ALA A 244 -4.17 15.80 0.79
CA ALA A 244 -4.58 15.80 2.18
C ALA A 244 -4.58 14.38 2.76
N ALA A 245 -4.95 13.38 1.96
CA ALA A 245 -4.97 12.00 2.43
C ALA A 245 -3.56 11.42 2.51
N MET A 246 -2.74 11.67 1.48
CA MET A 246 -1.37 11.19 1.50
C MET A 246 -0.57 11.88 2.62
N GLY A 247 -0.81 13.17 2.83
CA GLY A 247 -0.16 13.86 3.94
C GLY A 247 -0.53 13.27 5.28
N LEU A 248 -1.82 12.97 5.48
CA LEU A 248 -2.24 12.34 6.72
C LEU A 248 -1.67 10.94 6.86
N ALA A 249 -1.73 10.14 5.78
CA ALA A 249 -1.16 8.81 5.82
C ALA A 249 0.35 8.86 5.99
N GLY A 250 1.02 9.89 5.45
CA GLY A 250 2.44 10.00 5.61
C GLY A 250 2.86 10.35 7.03
N LEU A 251 2.10 11.23 7.68
CA LEU A 251 2.39 11.56 9.08
C LEU A 251 2.19 10.35 9.98
N ILE A 252 1.16 9.55 9.72
CA ILE A 252 0.89 8.38 10.56
C ILE A 252 1.97 7.33 10.34
N ASN A 253 2.39 7.11 9.09
CA ASN A 253 3.43 6.12 8.82
C ASN A 253 4.73 6.50 9.50
N MET A 254 5.17 7.75 9.36
CA MET A 254 6.37 8.20 10.05
C MET A 254 6.21 8.08 11.56
N SER A 255 5.02 8.41 12.08
CA SER A 255 4.77 8.26 13.51
C SER A 255 4.90 6.80 13.94
N MET A 256 4.32 5.88 13.17
CA MET A 256 4.41 4.47 13.52
C MET A 256 5.85 3.99 13.50
N LEU A 257 6.66 4.49 12.54
CA LEU A 257 8.07 4.11 12.50
C LEU A 257 8.86 4.74 13.64
N ALA A 258 8.59 6.01 13.93
CA ALA A 258 9.33 6.69 14.99
C ALA A 258 9.01 6.09 16.36
N VAL A 259 7.73 5.75 16.59
CA VAL A 259 7.37 5.09 17.85
C VAL A 259 8.02 3.72 17.93
N ALA A 260 8.06 2.98 16.83
CA ALA A 260 8.74 1.69 16.81
C ALA A 260 10.23 1.84 17.07
N ALA A 261 10.83 2.92 16.56
CA ALA A 261 12.24 3.19 16.84
C ALA A 261 12.44 3.50 18.33
N ALA A 262 11.62 4.39 18.88
CA ALA A 262 11.73 4.73 20.29
C ALA A 262 11.41 3.56 21.21
N THR A 263 10.61 2.60 20.74
CA THR A 263 10.23 1.47 21.57
C THR A 263 11.31 0.40 21.61
N PHE A 264 11.86 0.03 20.45
CA PHE A 264 12.69 -1.15 20.32
C PHE A 264 14.14 -0.88 19.98
N HIS A 265 14.44 0.16 19.21
CA HIS A 265 15.77 0.30 18.62
C HIS A 265 16.82 0.54 19.68
N GLY A 266 17.93 -0.20 19.58
CA GLY A 266 19.02 -0.07 20.52
C GLY A 266 18.75 -0.66 21.89
N LYS A 267 17.81 -1.60 21.99
CA LYS A 267 17.45 -2.18 23.27
C LYS A 267 17.56 -3.71 23.28
N ASN A 268 17.84 -4.32 22.14
CA ASN A 268 17.99 -5.78 22.02
C ASN A 268 16.79 -6.50 22.61
N VAL A 269 15.62 -6.17 22.07
CA VAL A 269 14.36 -6.75 22.51
C VAL A 269 14.07 -7.99 21.69
N GLU A 270 13.50 -9.00 22.34
CA GLU A 270 13.18 -10.26 21.66
C GLU A 270 12.13 -10.04 20.59
N ASN A 271 12.44 -10.47 19.37
CA ASN A 271 11.52 -10.34 18.22
C ASN A 271 11.17 -8.88 17.95
N ALA A 272 12.16 -8.01 18.01
CA ALA A 272 11.93 -6.59 17.79
C ALA A 272 11.61 -6.32 16.32
N GLY A 273 10.61 -5.48 16.08
CA GLY A 273 10.13 -5.20 14.74
C GLY A 273 9.12 -6.19 14.21
N ASP A 274 8.82 -7.24 14.98
CA ASP A 274 7.88 -8.25 14.55
C ASP A 274 6.45 -7.83 14.89
N LEU A 275 5.50 -8.27 14.07
CA LEU A 275 4.11 -7.89 14.27
C LEU A 275 3.48 -8.59 15.46
N THR A 276 4.06 -9.70 15.93
CA THR A 276 3.54 -10.37 17.11
C THR A 276 3.85 -9.62 18.40
N THR A 277 4.86 -8.75 18.39
CA THR A 277 5.20 -7.93 19.55
C THR A 277 5.03 -6.45 19.28
N ALA A 278 4.42 -6.08 18.14
CA ALA A 278 4.29 -4.67 17.77
C ALA A 278 3.36 -3.90 18.71
N TYR A 279 2.44 -4.59 19.40
CA TYR A 279 1.53 -3.92 20.31
C TYR A 279 2.27 -3.16 21.41
N GLN A 280 3.51 -3.56 21.72
CA GLN A 280 4.29 -2.89 22.76
C GLN A 280 4.60 -1.43 22.42
N THR A 281 4.38 -1.02 21.17
CA THR A 281 4.61 0.38 20.81
C THR A 281 3.54 1.29 21.39
N LEU A 282 2.34 0.77 21.62
CA LEU A 282 1.22 1.55 22.13
C LEU A 282 0.87 1.21 23.56
N THR A 283 1.65 0.36 24.23
CA THR A 283 1.37 -0.01 25.61
C THR A 283 1.38 1.19 26.56
N PRO A 284 2.37 2.09 26.56
CA PRO A 284 2.32 3.23 27.49
C PRO A 284 1.15 4.16 27.26
N LEU A 285 0.42 4.02 26.15
CA LEU A 285 -0.75 4.85 25.87
C LEU A 285 -2.06 4.10 26.12
N LEU A 286 -2.18 2.88 25.63
CA LEU A 286 -3.41 2.10 25.74
C LEU A 286 -3.41 1.12 26.91
N GLY A 287 -2.25 0.85 27.50
CA GLY A 287 -2.17 -0.05 28.62
C GLY A 287 -2.44 -1.49 28.23
N PRO A 288 -3.25 -2.19 29.03
CA PRO A 288 -3.55 -3.59 28.72
C PRO A 288 -4.37 -3.79 27.45
N ALA A 289 -4.94 -2.72 26.89
CA ALA A 289 -5.75 -2.82 25.69
C ALA A 289 -4.95 -2.74 24.41
N ALA A 290 -3.65 -2.46 24.49
CA ALA A 290 -2.86 -2.25 23.28
C ALA A 290 -2.84 -3.49 22.39
N SER A 291 -2.80 -4.67 22.99
CA SER A 291 -2.69 -5.90 22.21
C SER A 291 -3.94 -6.15 21.38
N VAL A 292 -5.12 -6.07 22.00
CA VAL A 292 -6.35 -6.31 21.28
C VAL A 292 -6.61 -5.20 20.26
N LEU A 293 -6.35 -3.95 20.64
CA LEU A 293 -6.62 -2.84 19.73
C LEU A 293 -5.68 -2.84 18.53
N PHE A 294 -4.46 -3.35 18.69
CA PHE A 294 -3.56 -3.45 17.55
C PHE A 294 -3.99 -4.56 16.59
N ALA A 295 -4.34 -5.72 17.14
CA ALA A 295 -4.73 -6.84 16.30
C ALA A 295 -6.06 -6.57 15.60
N VAL A 296 -7.00 -5.93 16.30
CA VAL A 296 -8.26 -5.57 15.67
C VAL A 296 -8.04 -4.62 14.51
N ALA A 297 -7.18 -3.61 14.71
CA ALA A 297 -6.85 -2.70 13.61
C ALA A 297 -6.13 -3.42 12.48
N LEU A 298 -5.28 -4.39 12.82
CA LEU A 298 -4.60 -5.16 11.79
C LEU A 298 -5.60 -6.01 11.01
N LEU A 299 -6.56 -6.61 11.71
CA LEU A 299 -7.59 -7.41 11.02
C LEU A 299 -8.46 -6.54 10.13
N ALA A 300 -8.91 -5.40 10.65
CA ALA A 300 -9.75 -4.51 9.86
C ALA A 300 -8.99 -3.97 8.65
N SER A 301 -7.70 -3.69 8.81
CA SER A 301 -6.89 -3.23 7.69
C SER A 301 -6.75 -4.29 6.61
N GLY A 302 -6.80 -5.57 6.99
CA GLY A 302 -6.61 -6.65 6.05
C GLY A 302 -7.90 -7.14 5.41
N LEU A 303 -9.01 -7.10 6.14
CA LEU A 303 -10.26 -7.62 5.61
C LEU A 303 -10.80 -6.70 4.52
N SER A 304 -10.86 -5.39 4.78
CA SER A 304 -11.34 -4.46 3.78
C SER A 304 -10.42 -4.43 2.56
N SER A 305 -9.10 -4.48 2.79
CA SER A 305 -8.15 -4.40 1.70
C SER A 305 -8.17 -5.66 0.83
N SER A 306 -8.28 -6.84 1.47
CA SER A 306 -8.33 -8.07 0.70
C SER A 306 -9.60 -8.17 -0.13
N ALA A 307 -10.70 -7.55 0.33
CA ALA A 307 -11.95 -7.62 -0.41
C ALA A 307 -11.98 -6.65 -1.58
N VAL A 308 -11.49 -5.43 -1.39
CA VAL A 308 -11.51 -4.46 -2.49
C VAL A 308 -10.45 -4.81 -3.53
N GLY A 309 -9.34 -5.41 -3.11
CA GLY A 309 -8.28 -5.73 -4.05
C GLY A 309 -8.62 -6.88 -4.97
N THR A 310 -9.37 -7.86 -4.48
CA THR A 310 -9.74 -8.99 -5.33
C THR A 310 -10.81 -8.59 -6.33
N MET A 311 -11.64 -7.60 -6.01
CA MET A 311 -12.54 -7.03 -7.00
C MET A 311 -11.78 -6.18 -8.00
N ALA A 312 -10.77 -5.44 -7.54
CA ALA A 312 -9.94 -4.67 -8.45
C ALA A 312 -9.19 -5.58 -9.41
N GLY A 313 -8.81 -6.77 -8.96
CA GLY A 313 -8.20 -7.73 -9.86
C GLY A 313 -9.13 -8.16 -10.98
N ASP A 314 -10.43 -8.23 -10.70
CA ASP A 314 -11.39 -8.60 -11.73
C ASP A 314 -11.54 -7.50 -12.77
N VAL A 315 -11.57 -6.24 -12.35
CA VAL A 315 -11.68 -5.13 -13.28
C VAL A 315 -10.44 -5.05 -14.17
N ILE A 316 -9.27 -5.40 -13.62
CA ILE A 316 -8.03 -5.26 -14.39
C ILE A 316 -7.98 -6.29 -15.51
N MET A 317 -8.40 -7.53 -15.24
CA MET A 317 -8.38 -8.55 -16.28
C MET A 317 -9.38 -8.24 -17.38
N GLN A 318 -10.61 -7.87 -17.01
CA GLN A 318 -11.61 -7.48 -18.00
C GLN A 318 -11.13 -6.28 -18.82
N GLY A 319 -10.41 -5.36 -18.20
CA GLY A 319 -9.90 -4.21 -18.93
C GLY A 319 -8.78 -4.58 -19.91
N PHE A 320 -7.92 -5.51 -19.51
CA PHE A 320 -6.83 -5.92 -20.39
C PHE A 320 -7.30 -6.87 -21.48
N MET A 321 -8.17 -7.81 -21.14
CA MET A 321 -8.46 -8.95 -22.00
C MET A 321 -9.84 -8.92 -22.63
N GLY A 322 -10.76 -8.10 -22.13
CA GLY A 322 -12.12 -8.10 -22.62
C GLY A 322 -12.99 -9.20 -22.06
N PHE A 323 -12.43 -10.11 -21.27
CA PHE A 323 -13.19 -11.15 -20.58
C PHE A 323 -12.61 -11.32 -19.19
N HIS A 324 -13.32 -12.07 -18.35
CA HIS A 324 -12.92 -12.27 -16.97
C HIS A 324 -13.26 -13.69 -16.54
N ILE A 325 -12.48 -14.20 -15.60
CA ILE A 325 -12.74 -15.52 -15.00
C ILE A 325 -13.77 -15.32 -13.90
N PRO A 326 -14.48 -16.37 -13.48
CA PRO A 326 -15.43 -16.22 -12.37
C PRO A 326 -14.77 -15.61 -11.14
N LEU A 327 -15.52 -14.77 -10.42
CA LEU A 327 -14.95 -14.03 -9.32
C LEU A 327 -14.55 -14.92 -8.16
N TRP A 328 -15.25 -16.05 -7.98
CA TRP A 328 -14.85 -16.99 -6.94
C TRP A 328 -13.54 -17.68 -7.27
N LEU A 329 -13.27 -17.90 -8.56
CA LEU A 329 -12.02 -18.54 -8.96
C LEU A 329 -10.82 -17.63 -8.69
N ARG A 330 -10.94 -16.35 -9.04
CA ARG A 330 -9.88 -15.40 -8.73
C ARG A 330 -9.62 -15.32 -7.23
N ARG A 331 -10.69 -15.33 -6.42
CA ARG A 331 -10.53 -15.30 -4.97
C ARG A 331 -9.83 -16.55 -4.47
N LEU A 332 -10.04 -17.69 -5.14
CA LEU A 332 -9.38 -18.93 -4.72
C LEU A 332 -7.91 -18.92 -5.09
N ILE A 333 -7.58 -18.44 -6.30
CA ILE A 333 -6.19 -18.43 -6.73
C ILE A 333 -5.35 -17.50 -5.86
N THR A 334 -5.92 -16.36 -5.46
CA THR A 334 -5.20 -15.43 -4.61
C THR A 334 -4.94 -15.99 -3.21
N MET A 335 -5.73 -16.98 -2.77
CA MET A 335 -5.50 -17.60 -1.47
C MET A 335 -4.43 -18.68 -1.52
N LEU A 336 -4.12 -19.21 -2.70
CA LEU A 336 -3.12 -20.27 -2.79
C LEU A 336 -1.75 -19.85 -2.28
N PRO A 337 -1.20 -18.69 -2.64
CA PRO A 337 0.10 -18.30 -2.05
C PRO A 337 0.04 -18.11 -0.56
N ALA A 338 -1.11 -17.68 -0.02
CA ALA A 338 -1.23 -17.48 1.42
C ALA A 338 -1.14 -18.81 2.16
N PHE A 339 -1.91 -19.81 1.72
CA PHE A 339 -1.88 -21.10 2.39
C PHE A 339 -0.54 -21.80 2.22
N ILE A 340 0.08 -21.65 1.04
CA ILE A 340 1.38 -22.26 0.81
C ILE A 340 2.43 -21.67 1.75
N VAL A 341 2.42 -20.34 1.91
CA VAL A 341 3.33 -19.68 2.84
C VAL A 341 3.10 -20.20 4.26
N ILE A 342 1.83 -20.42 4.62
CA ILE A 342 1.52 -20.93 5.95
C ILE A 342 2.04 -22.35 6.12
N LEU A 343 1.74 -23.22 5.15
CA LEU A 343 2.17 -24.61 5.25
C LEU A 343 3.68 -24.74 5.21
N LEU A 344 4.37 -23.79 4.56
CA LEU A 344 5.82 -23.77 4.61
C LEU A 344 6.37 -23.33 5.96
N GLY A 345 5.53 -22.76 6.82
CA GLY A 345 5.98 -22.26 8.11
C GLY A 345 6.72 -20.94 8.06
N MET A 346 6.65 -20.21 6.95
CA MET A 346 7.38 -18.96 6.83
C MET A 346 6.81 -17.92 7.79
N ASP A 347 7.67 -17.00 8.20
CA ASP A 347 7.26 -15.95 9.12
C ASP A 347 6.27 -15.01 8.42
N PRO A 348 5.09 -14.79 9.00
CA PRO A 348 4.12 -13.88 8.36
C PRO A 348 4.64 -12.45 8.24
N SER A 349 5.29 -11.92 9.28
CA SER A 349 5.82 -10.56 9.21
C SER A 349 6.89 -10.44 8.13
N SER A 350 7.68 -11.49 7.93
CA SER A 350 8.76 -11.42 6.94
C SER A 350 8.22 -11.47 5.51
N VAL A 351 7.17 -12.26 5.27
CA VAL A 351 6.63 -12.35 3.92
C VAL A 351 5.77 -11.15 3.58
N LEU A 352 5.19 -10.47 4.58
CA LEU A 352 4.49 -9.22 4.31
C LEU A 352 5.45 -8.16 3.78
N ILE A 353 6.68 -8.13 4.29
CA ILE A 353 7.67 -7.16 3.81
C ILE A 353 8.15 -7.54 2.41
N LEU A 354 8.31 -8.84 2.15
CA LEU A 354 8.74 -9.29 0.83
C LEU A 354 7.73 -8.90 -0.24
N SER A 355 6.44 -9.00 0.07
CA SER A 355 5.41 -8.67 -0.90
C SER A 355 5.47 -7.19 -1.28
N GLN A 356 5.77 -6.32 -0.30
CA GLN A 356 5.92 -4.91 -0.62
C GLN A 356 7.17 -4.65 -1.44
N VAL A 357 8.24 -5.41 -1.21
CA VAL A 357 9.43 -5.31 -2.05
C VAL A 357 9.11 -5.69 -3.48
N ILE A 358 8.32 -6.74 -3.67
CA ILE A 358 7.95 -7.18 -5.01
C ILE A 358 7.07 -6.14 -5.69
N LEU A 359 6.13 -5.55 -4.94
CA LEU A 359 5.28 -4.51 -5.50
C LEU A 359 6.09 -3.32 -5.99
N CYS A 360 7.21 -3.02 -5.32
CA CYS A 360 8.05 -1.90 -5.76
C CYS A 360 8.72 -2.19 -7.10
N PHE A 361 8.98 -3.47 -7.41
CA PHE A 361 9.51 -3.82 -8.72
C PHE A 361 8.47 -3.66 -9.83
N GLY A 362 7.18 -3.70 -9.49
CA GLY A 362 6.14 -3.48 -10.48
C GLY A 362 5.82 -2.03 -10.77
N VAL A 363 6.30 -1.11 -9.94
CA VAL A 363 6.00 0.31 -10.14
C VAL A 363 6.54 0.83 -11.47
N PRO A 364 7.82 0.61 -11.84
CA PRO A 364 8.30 1.19 -13.11
C PRO A 364 7.52 0.73 -14.32
N PHE A 365 7.07 -0.52 -14.35
CA PHE A 365 6.26 -0.98 -15.46
C PHE A 365 4.92 -0.24 -15.50
N ALA A 366 4.34 0.06 -14.34
CA ALA A 366 3.07 0.78 -14.31
C ALA A 366 3.24 2.23 -14.73
N LEU A 367 4.41 2.82 -14.49
CA LEU A 367 4.61 4.24 -14.79
C LEU A 367 4.82 4.52 -16.26
N VAL A 368 5.28 3.55 -17.05
CA VAL A 368 5.60 3.79 -18.45
C VAL A 368 4.33 4.11 -19.23
N PRO A 369 3.29 3.27 -19.22
CA PRO A 369 2.04 3.69 -19.89
C PRO A 369 1.40 4.91 -19.27
N LEU A 370 1.56 5.10 -17.96
CA LEU A 370 0.97 6.28 -17.31
C LEU A 370 1.63 7.56 -17.79
N LEU A 371 2.97 7.60 -17.80
CA LEU A 371 3.68 8.80 -18.24
C LEU A 371 3.47 9.07 -19.73
N LEU A 372 3.33 8.03 -20.54
CA LEU A 372 3.16 8.22 -21.97
C LEU A 372 1.75 8.71 -22.30
N PHE A 373 0.73 8.06 -21.73
CA PHE A 373 -0.64 8.40 -22.09
C PHE A 373 -1.03 9.79 -21.60
N THR A 374 -0.57 10.19 -20.42
CA THR A 374 -0.94 11.49 -19.88
C THR A 374 -0.25 12.64 -20.60
N ALA A 375 0.69 12.36 -21.49
CA ALA A 375 1.37 13.39 -22.26
C ALA A 375 0.86 13.49 -23.69
N ARG A 376 -0.17 12.72 -24.06
CA ARG A 376 -0.72 12.70 -25.40
C ARG A 376 -2.02 13.48 -25.45
N ARG A 377 -2.15 14.37 -26.43
CA ARG A 377 -3.38 15.15 -26.57
C ARG A 377 -4.53 14.26 -27.03
N ASP A 378 -4.27 13.30 -27.92
CA ASP A 378 -5.33 12.41 -28.39
C ASP A 378 -5.86 11.50 -27.29
N VAL A 379 -5.22 11.48 -26.13
CA VAL A 379 -5.74 10.79 -24.95
C VAL A 379 -6.33 11.78 -23.96
N MET A 380 -5.58 12.83 -23.63
CA MET A 380 -5.96 13.77 -22.58
C MET A 380 -6.79 14.95 -23.07
N GLY A 381 -6.71 15.28 -24.36
CA GLY A 381 -7.41 16.47 -24.84
C GLY A 381 -6.75 17.71 -24.29
N ALA A 382 -7.57 18.62 -23.76
CA ALA A 382 -7.04 19.85 -23.17
C ALA A 382 -6.36 19.63 -21.84
N LEU A 383 -6.47 18.43 -21.26
CA LEU A 383 -5.91 18.13 -19.95
C LEU A 383 -4.54 17.48 -20.03
N VAL A 384 -3.75 17.82 -21.05
CA VAL A 384 -2.39 17.29 -21.14
C VAL A 384 -1.59 17.73 -19.93
N THR A 385 -0.84 16.80 -19.36
CA THR A 385 0.01 17.10 -18.21
C THR A 385 1.02 18.18 -18.56
N ARG A 386 1.28 19.06 -17.58
CA ARG A 386 2.36 20.03 -17.74
C ARG A 386 3.66 19.31 -18.06
N ARG A 387 4.48 19.92 -18.92
CA ARG A 387 5.74 19.31 -19.31
C ARG A 387 6.64 19.05 -18.11
N SER A 388 6.63 19.96 -17.13
CA SER A 388 7.49 19.81 -15.97
C SER A 388 7.12 18.58 -15.14
N PHE A 389 5.82 18.37 -14.92
CA PHE A 389 5.41 17.21 -14.12
C PHE A 389 5.57 15.90 -14.86
N THR A 390 5.60 15.91 -16.19
CA THR A 390 6.00 14.72 -16.92
C THR A 390 7.47 14.40 -16.67
N VAL A 391 8.32 15.44 -16.67
CA VAL A 391 9.73 15.24 -16.38
C VAL A 391 9.93 14.71 -14.96
N ILE A 392 9.19 15.28 -14.00
CA ILE A 392 9.30 14.80 -12.62
C ILE A 392 8.87 13.34 -12.52
N GLY A 393 7.84 12.95 -13.27
CA GLY A 393 7.41 11.57 -13.27
C GLY A 393 8.48 10.62 -13.79
N TRP A 394 9.17 11.01 -14.86
CA TRP A 394 10.23 10.16 -15.40
C TRP A 394 11.41 10.07 -14.44
N VAL A 395 11.72 11.16 -13.74
CA VAL A 395 12.78 11.12 -12.75
C VAL A 395 12.42 10.15 -11.62
N ILE A 396 11.16 10.18 -11.17
CA ILE A 396 10.69 9.23 -10.17
C ILE A 396 10.86 7.80 -10.67
N ALA A 397 10.53 7.56 -11.94
CA ALA A 397 10.67 6.23 -12.50
C ALA A 397 12.14 5.81 -12.57
N VAL A 398 13.03 6.74 -12.94
CA VAL A 398 14.45 6.42 -12.98
C VAL A 398 14.99 6.14 -11.59
N ILE A 399 14.54 6.90 -10.60
CA ILE A 399 15.01 6.70 -9.23
C ILE A 399 14.62 5.31 -8.73
N ILE A 400 13.37 4.90 -8.99
CA ILE A 400 12.90 3.62 -8.49
C ILE A 400 13.60 2.47 -9.21
N ILE A 401 13.82 2.60 -10.51
CA ILE A 401 14.62 1.61 -11.23
C ILE A 401 16.01 1.52 -10.64
N ALA A 402 16.61 2.67 -10.32
CA ALA A 402 17.95 2.67 -9.72
C ALA A 402 17.95 1.97 -8.37
N LEU A 403 16.95 2.23 -7.53
CA LEU A 403 16.88 1.59 -6.23
C LEU A 403 16.60 0.10 -6.36
N ASN A 404 15.76 -0.29 -7.33
CA ASN A 404 15.47 -1.71 -7.52
C ASN A 404 16.69 -2.46 -8.08
N GLY A 405 17.40 -1.84 -9.03
CA GLY A 405 18.61 -2.47 -9.55
C GLY A 405 19.72 -2.53 -8.52
N TYR A 406 19.84 -1.49 -7.69
CA TYR A 406 20.81 -1.50 -6.60
C TYR A 406 20.51 -2.62 -5.61
N LEU A 407 19.24 -2.78 -5.23
CA LEU A 407 18.87 -3.87 -4.35
C LEU A 407 19.07 -5.23 -5.03
N LEU A 408 18.69 -5.34 -6.30
CA LEU A 408 18.81 -6.60 -7.01
C LEU A 408 20.28 -7.00 -7.16
N TRP A 409 21.19 -6.02 -7.24
CA TRP A 409 22.61 -6.32 -7.35
C TRP A 409 23.15 -6.96 -6.08
N GLU A 410 22.75 -6.44 -4.92
CA GLU A 410 23.23 -6.95 -3.64
C GLU A 410 22.53 -8.23 -3.23
N LEU A 411 21.43 -8.60 -3.86
CA LEU A 411 20.78 -9.89 -3.62
C LEU A 411 21.30 -10.98 -4.53
N LEU A 412 22.23 -10.67 -5.43
CA LEU A 412 22.90 -11.65 -6.28
C LEU A 412 24.40 -11.66 -6.02
N GLY A 413 24.81 -11.24 -4.83
CA GLY A 413 26.22 -11.15 -4.50
C GLY A 413 26.86 -9.92 -5.11
N GLY A 414 27.88 -10.11 -5.95
CA GLY A 414 28.54 -9.01 -6.60
C GLY A 414 29.48 -8.24 -5.69
CD CD B . -0.44 0.32 1.25
CD CD C . 6.56 -13.51 13.40
CL CL D . 20.44 6.78 17.20
CL CL E . -0.11 5.24 -27.27
C18 OLC F . 19.45 7.74 -17.66
C10 OLC F . 15.70 13.02 -17.90
C9 OLC F . 14.45 13.18 -18.28
C17 OLC F . 19.97 7.74 -16.22
C11 OLC F . 16.26 11.61 -17.71
C8 OLC F . 13.57 11.97 -18.53
C24 OLC F . 3.91 17.45 -23.31
C16 OLC F . 20.20 9.18 -15.74
C12 OLC F . 16.32 11.26 -16.23
C7 OLC F . 12.55 12.27 -19.62
C15 OLC F . 19.06 10.07 -16.22
C13 OLC F . 17.53 11.94 -15.59
C6 OLC F . 11.66 13.42 -19.18
C14 OLC F . 18.49 10.88 -15.05
C5 OLC F . 11.66 14.48 -20.29
C4 OLC F . 10.71 14.06 -21.40
C3 OLC F . 9.28 14.29 -20.94
C2 OLC F . 8.35 14.21 -22.14
C21 OLC F . 6.30 16.90 -23.67
C1 OLC F . 7.75 15.59 -22.42
C22 OLC F . 4.90 16.31 -23.54
O19 OLC F . 7.71 16.40 -21.56
O25 OLC F . 2.77 17.22 -24.08
O23 OLC F . 4.57 15.62 -24.71
O20 OLC F . 7.25 15.88 -23.69
C24 OLC G . 7.20 12.58 -25.14
C7 OLC G . 14.15 6.22 -18.85
C6 OLC G . 14.69 7.60 -19.22
C5 OLC G . 13.53 8.52 -19.57
C4 OLC G . 12.82 8.02 -20.83
C3 OLC G . 12.05 9.20 -21.45
C2 OLC G . 11.10 8.70 -22.54
C21 OLC G . 9.04 10.92 -24.75
C1 OLC G . 10.28 9.88 -23.04
C22 OLC G . 7.68 11.42 -24.26
O19 OLC G . 10.43 10.95 -22.53
O25 OLC G . 6.22 13.30 -24.45
O23 OLC G . 6.74 10.39 -24.31
O20 OLC G . 9.36 9.73 -24.08
C10 OLC H . 3.37 13.97 12.96
C9 OLC H . 2.63 14.78 13.68
C11 OLC H . 4.47 13.14 13.62
C8 OLC H . 2.85 14.92 15.18
C24 OLC H . 1.31 16.10 25.33
C12 OLC H . 5.51 12.77 12.57
C7 OLC H . 1.59 14.45 15.92
C15 OLC H . 9.09 11.47 13.07
C13 OLC H . 6.68 12.06 13.25
C6 OLC H . 0.36 15.07 15.26
C14 OLC H . 7.97 12.31 12.46
C5 OLC H . -0.87 14.83 16.13
C4 OLC H . -0.69 15.57 17.45
C3 OLC H . -1.11 14.66 18.60
C2 OLC H . -0.02 14.65 19.67
C21 OLC H . 0.45 15.82 23.01
C1 OLC H . -0.53 15.36 20.92
C22 OLC H . 0.26 15.42 24.46
O19 OLC H . -1.23 16.31 20.81
O25 OLC H . 0.92 16.05 26.68
O23 OLC H . -1.02 15.80 24.88
O20 OLC H . -0.18 14.87 22.19
C24 OLC I . 2.78 1.56 -28.93
C4 OLC I . 7.33 -0.74 -22.32
C3 OLC I . 7.28 0.12 -23.58
C2 OLC I . 5.86 0.19 -24.11
C21 OLC I . 4.02 0.93 -26.85
C1 OLC I . 5.81 1.09 -25.34
C22 OLC I . 3.97 1.90 -28.04
O19 OLC I . 6.17 2.21 -25.28
O25 OLC I . 3.01 2.07 -30.22
O23 OLC I . 3.86 3.20 -27.55
O20 OLC I . 5.34 0.59 -26.56
C18 OLC J . -5.63 -23.65 -9.23
C10 OLC J . -13.30 -24.97 -5.85
C9 OLC J . -14.56 -24.57 -5.77
C17 OLC J . -6.85 -23.25 -8.41
C11 OLC J . -12.86 -25.97 -6.91
C8 OLC J . -15.58 -25.10 -6.77
C24 OLC J . -20.07 -20.78 -13.20
C16 OLC J . -8.10 -23.44 -9.26
C12 OLC J . -11.47 -25.62 -7.41
C7 OLC J . -16.99 -24.82 -6.25
C15 OLC J . -9.19 -24.12 -8.44
C13 OLC J . -11.59 -24.77 -8.67
C6 OLC J . -17.17 -23.32 -6.05
C14 OLC J . -10.25 -24.70 -9.38
C5 OLC J . -17.76 -22.70 -7.32
C4 OLC J . -19.07 -23.40 -7.69
C3 OLC J . -20.20 -22.37 -7.78
C2 OLC J . -19.69 -21.08 -8.43
C21 OLC J . -19.11 -21.94 -11.20
C1 OLC J . -20.47 -20.76 -9.70
C22 OLC J . -18.94 -21.67 -12.70
O19 OLC J . -21.11 -19.78 -9.75
O25 OLC J . -20.02 -19.53 -12.55
O23 OLC J . -17.71 -21.04 -12.90
O20 OLC J . -20.40 -21.62 -10.80
C18 OLC K . 13.06 13.70 -1.95
C10 OLC K . 7.68 16.54 -6.24
C9 OLC K . 6.61 17.28 -6.45
C17 OLC K . 11.72 13.58 -2.67
C11 OLC K . 7.66 15.43 -5.19
C8 OLC K . 5.34 17.02 -5.65
C24 OLC K . -1.59 18.54 -14.21
C16 OLC K . 11.93 12.90 -4.02
C12 OLC K . 8.32 14.17 -5.74
C7 OLC K . 4.21 17.91 -6.16
C15 OLC K . 10.57 12.65 -4.67
C13 OLC K . 9.75 14.47 -6.15
C6 OLC K . 3.02 17.03 -6.56
C14 OLC K . 10.57 13.19 -6.10
C5 OLC K . 1.74 17.66 -6.02
C4 OLC K . 0.60 17.45 -7.02
C3 OLC K . 1.05 17.88 -8.42
C2 OLC K . -0.04 17.56 -9.43
C21 OLC K . -0.74 17.41 -12.14
C1 OLC K . 0.42 16.40 -10.33
C22 OLC K . -0.41 17.80 -13.58
O19 OLC K . 0.99 15.48 -9.87
O25 OLC K . -1.19 19.06 -15.45
O23 OLC K . 0.72 18.63 -13.59
O20 OLC K . 0.17 16.44 -11.72
C10 OLC L . 15.17 11.29 -3.95
C9 OLC L . 15.62 10.62 -2.90
C17 OLC L . 18.61 11.23 -7.21
C11 OLC L . 16.03 12.36 -4.61
C8 OLC L . 17.01 10.90 -2.35
C24 OLC L . 23.12 11.92 0.00
C16 OLC L . 18.27 12.09 -8.42
C12 OLC L . 15.22 13.08 -5.70
C7 OLC L . 18.01 9.87 -2.89
C15 OLC L . 17.07 12.99 -8.11
C13 OLC L . 16.02 14.26 -6.23
C6 OLC L . 19.16 10.62 -3.57
C14 OLC L . 17.34 13.78 -6.83
C5 OLC L . 20.03 11.29 -2.52
C4 OLC L . 20.37 12.71 -2.96
C3 OLC L . 19.33 13.69 -2.40
C2 OLC L . 19.96 15.07 -2.20
C21 OLC L . 21.58 13.72 0.79
C1 OLC L . 20.65 15.13 -0.84
C22 OLC L . 22.83 12.90 1.13
O19 OLC L . 20.33 15.96 -0.05
O25 OLC L . 24.33 11.27 0.25
O23 OLC L . 23.92 13.77 1.29
O20 OLC L . 21.67 14.23 -0.51
C10 OLC M . 17.45 -3.41 -13.04
C9 OLC M . 17.64 -2.14 -13.33
C11 OLC M . 16.38 -3.81 -12.03
C8 OLC M . 18.71 -1.73 -14.34
C24 OLC M . 26.39 0.58 -6.64
C16 OLC M . 11.85 -2.78 -11.33
C12 OLC M . 15.44 -2.63 -11.78
C7 OLC M . 19.76 -0.91 -13.62
C15 OLC M . 12.06 -3.81 -12.43
C13 OLC M . 14.28 -2.70 -12.76
C6 OLC M . 19.11 0.32 -12.99
C14 OLC M . 13.57 -4.04 -12.62
C5 OLC M . 20.14 1.09 -12.17
C4 OLC M . 20.66 0.20 -11.06
C3 OLC M . 22.03 0.70 -10.62
C2 OLC M . 21.99 1.08 -9.14
C21 OLC M . 24.38 0.15 -8.04
C1 OLC M . 23.14 2.02 -8.82
C22 OLC M . 25.82 -0.27 -7.77
O19 OLC M . 23.05 3.17 -9.08
O25 OLC M . 27.22 -0.22 -5.84
O23 OLC M . 25.85 -1.62 -7.41
O20 OLC M . 24.32 1.54 -8.23
C10 OLC N . 14.63 18.65 9.28
C9 OLC N . 14.45 18.45 10.56
C11 OLC N . 13.89 17.79 8.25
C8 OLC N . 13.49 17.38 11.07
C24 OLC N . 21.96 17.56 15.36
C12 OLC N . 12.60 18.49 7.81
C7 OLC N . 12.15 17.99 11.45
C13 OLC N . 11.43 17.53 7.92
C6 OLC N . 11.89 17.76 12.94
C14 OLC N . 10.68 17.49 6.60
C5 OLC N . 12.91 18.55 13.77
C4 OLC N . 13.73 17.58 14.60
C3 OLC N . 14.80 18.36 15.37
C2 OLC N . 15.99 18.64 14.46
C21 OLC N . 19.58 18.26 15.55
C1 OLC N . 17.27 18.54 15.29
C22 OLC N . 20.91 18.54 14.85
O19 OLC N . 17.20 18.53 16.47
O25 OLC N . 23.24 18.07 15.10
O23 OLC N . 20.75 18.40 13.47
O20 OLC N . 18.52 18.46 14.66
C10 OLC O . -13.22 -25.71 -1.64
C9 OLC O . -13.93 -24.70 -2.07
C11 OLC O . -11.74 -25.53 -1.28
C8 OLC O . -13.30 -23.31 -2.22
C24 OLC O . -22.03 -16.92 -5.88
C12 OLC O . -11.26 -26.72 -0.46
C7 OLC O . -14.37 -22.24 -1.98
C6 OLC O . -15.46 -22.37 -3.04
C5 OLC O . -16.82 -22.08 -2.42
C4 OLC O . -16.98 -20.57 -2.20
C3 OLC O . -16.81 -19.84 -3.53
C2 OLC O . -18.04 -19.00 -3.82
C21 OLC O . -21.07 -19.21 -5.63
C1 OLC O . -18.94 -19.76 -4.80
C22 OLC O . -21.78 -18.26 -6.58
O19 OLC O . -19.02 -20.94 -4.74
O25 OLC O . -23.34 -16.91 -5.38
O23 OLC O . -20.99 -18.04 -7.71
O20 OLC O . -19.68 -19.06 -5.76
C10 OLC P . 10.86 -8.73 -7.96
C9 OLC P . 11.05 -9.05 -6.70
C11 OLC P . 11.86 -9.18 -9.04
C8 OLC P . 12.26 -9.87 -6.26
C24 OLC P . 17.03 -8.94 2.79
C12 OLC P . 11.44 -8.60 -10.39
C7 OLC P . 12.14 -10.22 -4.78
C6 OLC P . 13.45 -9.87 -4.07
C5 OLC P . 14.51 -10.91 -4.41
C4 OLC P . 14.54 -12.01 -3.35
C3 OLC P . 14.43 -11.40 -1.96
C2 OLC P . 15.42 -12.08 -1.01
C21 OLC P . 15.98 -10.74 1.41
C1 OLC P . 14.71 -12.41 0.29
C22 OLC P . 16.47 -10.36 2.80
O19 OLC P . 13.81 -13.19 0.28
O25 OLC P . 18.42 -8.97 2.63
O23 OLC P . 15.41 -10.44 3.72
O20 OLC P . 15.10 -11.82 1.51
C8 OLC Q . -15.87 -0.16 25.65
C24 OLC Q . -7.82 -5.78 27.85
C7 OLC Q . -14.88 -0.50 26.75
C6 OLC Q . -14.06 -1.74 26.36
C5 OLC Q . -14.97 -2.78 25.69
C4 OLC Q . -14.18 -4.06 25.44
C3 OLC Q . -12.79 -3.73 24.92
C2 OLC Q . -11.76 -4.55 25.69
C21 OLC Q . -9.24 -5.96 25.79
C1 OLC Q . -10.37 -3.95 25.52
C22 OLC Q . -8.27 -6.70 26.71
O19 OLC Q . -10.22 -2.95 24.91
O25 OLC Q . -6.89 -6.46 28.64
O23 OLC Q . -8.89 -7.83 27.24
O20 OLC Q . -9.27 -4.59 26.10
C10 OLC R . 23.51 10.57 -13.58
C9 OLC R . 24.17 9.45 -13.81
C11 OLC R . 23.24 11.56 -14.70
C8 OLC R . 24.70 9.12 -15.20
C24 OLC R . 29.68 2.71 -9.25
C16 OLC R . 21.25 16.39 -15.36
C12 OLC R . 22.08 12.46 -14.29
C7 OLC R . 24.82 7.60 -15.36
C15 OLC R . 21.24 15.33 -16.46
C13 OLC R . 21.38 13.03 -15.51
C6 OLC R . 25.72 7.02 -14.28
C14 OLC R . 22.18 14.20 -16.09
C5 OLC R . 26.27 5.69 -14.80
C4 OLC R . 26.37 4.66 -13.68
C3 OLC R . 25.03 3.93 -13.53
C2 OLC R . 24.58 3.99 -12.07
C21 OLC R . 27.29 2.57 -9.97
C1 OLC R . 25.35 2.96 -11.24
C22 OLC R . 28.34 3.43 -9.28
O19 OLC R . 25.26 1.80 -11.51
O25 OLC R . 30.45 3.19 -8.19
O23 OLC R . 28.47 4.63 -9.99
O20 OLC R . 26.16 3.37 -10.19
C10 OLC S . 13.94 17.84 -12.49
C9 OLC S . 12.92 18.56 -12.92
C11 OLC S . 14.33 17.84 -11.02
C8 OLC S . 12.12 19.41 -11.93
C12 OLC S . 15.78 17.37 -10.87
C7 OLC S . 11.10 20.26 -12.69
C6 OLC S . 11.83 21.10 -13.73
C5 OLC S . 11.34 20.72 -15.12
C4 OLC S . 12.52 20.77 -16.09
C3 OLC S . 12.09 21.25 -17.48
C2 OLC S . 10.71 21.91 -17.43
C8 OLC T . 13.36 2.73 -25.88
C24 OLC T . 6.28 10.49 -28.03
C7 OLC T . 13.83 3.39 -27.18
C6 OLC T . 13.99 4.89 -26.96
C5 OLC T . 12.66 5.50 -26.53
C4 OLC T . 11.80 5.81 -27.75
C3 OLC T . 11.49 7.30 -27.79
C2 OLC T . 10.40 7.62 -26.76
C21 OLC T . 7.03 8.43 -26.85
C1 OLC T . 9.31 8.45 -27.43
C22 OLC T . 5.95 9.03 -27.74
O19 OLC T . 9.53 9.56 -27.76
O25 OLC T . 5.16 11.14 -28.55
O23 OLC T . 5.87 8.32 -28.94
O20 OLC T . 8.05 7.89 -27.66
C18 OLC U . -0.76 16.75 6.15
C10 OLC U . -5.55 14.23 13.12
C9 OLC U . -5.66 14.34 14.43
C17 OLC U . -2.26 16.99 6.12
C11 OLC U . -4.19 14.15 12.43
C8 OLC U . -4.41 14.41 15.30
C16 OLC U . -3.00 15.92 6.92
C12 OLC U . -3.85 15.50 11.78
C7 OLC U . -4.71 13.87 16.70
C15 OLC U . -2.29 15.70 8.26
C13 OLC U . -2.77 15.35 10.70
C6 OLC U . -4.92 15.03 17.67
C14 OLC U . -3.17 16.12 9.44
C5 OLC U . -5.18 14.46 19.07
C4 OLC U . -5.27 15.61 20.08
C3 OLC U . -4.75 15.15 21.43
C10 OLC V . 11.65 2.24 -18.15
C9 OLC V . 11.97 3.04 -19.14
C11 OLC V . 11.07 0.84 -18.41
C8 OLC V . 11.78 2.60 -20.59
C12 OLC V . 10.90 0.11 -17.09
C7 OLC V . 10.46 3.16 -21.12
C13 OLC V . 12.18 -0.64 -16.74
C6 OLC V . 10.52 3.24 -22.65
C14 OLC V . 12.08 -1.23 -15.33
C5 OLC V . 10.74 4.68 -23.07
C4 OLC V . 9.44 5.26 -23.61
C3 OLC V . 8.96 4.43 -24.80
C2 OLC V . 7.88 5.22 -25.54
C24 OLC W . 3.01 -12.46 -31.06
C7 OLC W . 4.03 -12.67 -25.66
C6 OLC W . 3.33 -14.03 -25.58
C5 OLC W . 1.94 -13.84 -24.99
C4 OLC W . 1.10 -15.10 -25.24
C3 OLC W . -0.27 -14.70 -25.79
C2 OLC W . -0.19 -14.51 -27.30
C21 OLC W . 2.02 -12.90 -28.80
C1 OLC W . -0.01 -13.03 -27.65
C22 OLC W . 2.48 -13.53 -30.11
O19 OLC W . -0.43 -12.20 -26.91
O25 OLC W . 4.39 -12.30 -30.88
O23 OLC W . 3.49 -14.47 -29.85
O20 OLC W . 0.65 -12.67 -28.84
C18 OLC X . 21.24 -4.23 -13.26
C17 OLC X . 22.00 -4.53 -11.97
C16 OLC X . 21.51 -5.85 -11.39
C12 OLC X . 18.60 -8.86 -13.69
C15 OLC X . 21.67 -6.95 -12.44
C13 OLC X . 19.61 -7.72 -13.61
C14 OLC X . 20.47 -7.90 -12.37
C18 OLC Y . -15.40 -6.35 7.43
C10 OLC Y . -15.89 -4.30 -0.99
C9 OLC Y . -16.79 -4.25 -1.95
C17 OLC Y . -14.30 -5.69 6.59
C11 OLC Y . -16.25 -3.93 0.45
C8 OLC Y . -16.39 -4.62 -3.36
C16 OLC Y . -14.77 -5.53 5.16
C12 OLC Y . -16.12 -5.18 1.33
C7 OLC Y . -15.37 -5.76 -3.29
C15 OLC Y . -15.35 -4.15 4.93
C13 OLC Y . -15.26 -4.86 2.54
C14 OLC Y . -16.09 -4.11 3.59
O2 PEG Z . -13.73 1.36 -17.22
C3 PEG Z . -14.55 2.25 -17.98
C4 PEG Z . -15.72 1.49 -18.54
O4 PEG Z . -16.95 2.16 -18.27
#